data_8VCB
#
_entry.id   8VCB
#
_cell.length_a   63.397
_cell.length_b   43.073
_cell.length_c   119.743
_cell.angle_alpha   90.00
_cell.angle_beta   101.71
_cell.angle_gamma   90.00
#
_symmetry.space_group_name_H-M   'P 1 21 1'
#
loop_
_entity.id
_entity.type
_entity.pdbx_description
1 polymer Q5LIA5
2 water water
#
_entity_poly.entity_id   1
_entity_poly.type   'polypeptide(L)'
_entity_poly.pdbx_seq_one_letter_code
;MGSSHHHHHHSSGIREEEFVNNPQGNFEQLWKIIDEQYCFLDYKQIDWDEIHTRYQKLITPNMGSEGLFEVLSEMLYELQ
DGHVNLASAHNVSYYDAWYQDYPRNFRADLLEDSYLGRASTDYRTAAGLKYKILKDNIGYIRYESFADPVGNGNLDEVLS
YLSVCNGLIIDVRDNGGGNATNSARIASRFTNEKILTGYISHKTGTGHNDFSKPYAIYLEPANGVRWQKKVVVLTNRRSF
SATNDFVNHMRCLPNVTTIGDKTGGGSGMPFTSELPNGWSVRFSASPHFDAEMNHIEFGIEPDIKADMLQEDELRGKDTL
IEMARKLLSE
;
_entity_poly.pdbx_strand_id   A,B
#
# COMPACT_ATOMS: atom_id res chain seq x y z
N PHE A 19 -20.10 -22.46 18.48
CA PHE A 19 -21.22 -22.44 17.55
C PHE A 19 -20.87 -23.21 16.31
N VAL A 20 -21.82 -23.96 15.77
CA VAL A 20 -21.52 -24.78 14.62
C VAL A 20 -21.47 -23.92 13.35
N ASN A 21 -20.78 -24.44 12.35
CA ASN A 21 -20.71 -23.75 11.07
C ASN A 21 -21.95 -24.06 10.23
N ASN A 22 -23.01 -23.31 10.50
CA ASN A 22 -24.17 -23.23 9.62
C ASN A 22 -24.74 -21.83 9.78
N PRO A 23 -25.73 -21.44 8.97
CA PRO A 23 -26.13 -20.01 9.00
C PRO A 23 -26.56 -19.53 10.39
N GLN A 24 -27.35 -20.34 11.10
CA GLN A 24 -27.75 -19.97 12.46
C GLN A 24 -26.55 -19.78 13.38
N GLY A 25 -25.59 -20.70 13.35
CA GLY A 25 -24.46 -20.58 14.25
C GLY A 25 -23.60 -19.34 13.99
N ASN A 26 -23.43 -18.98 12.72
CA ASN A 26 -22.66 -17.82 12.33
C ASN A 26 -23.37 -16.54 12.73
N PHE A 27 -24.69 -16.51 12.57
CA PHE A 27 -25.49 -15.39 13.04
C PHE A 27 -25.39 -15.22 14.55
N GLU A 28 -25.65 -16.30 15.30
CA GLU A 28 -25.65 -16.19 16.76
C GLU A 28 -24.28 -15.77 17.28
N GLN A 29 -23.21 -16.29 16.68
CA GLN A 29 -21.86 -15.94 17.12
C GLN A 29 -21.56 -14.47 16.85
N LEU A 30 -21.88 -14.01 15.64
CA LEU A 30 -21.69 -12.60 15.32
C LEU A 30 -22.51 -11.73 16.26
N TRP A 31 -23.78 -12.10 16.49
CA TRP A 31 -24.62 -11.33 17.39
C TRP A 31 -24.04 -11.28 18.80
N LYS A 32 -23.49 -12.41 19.29
CA LYS A 32 -22.96 -12.48 20.64
C LYS A 32 -21.66 -11.68 20.78
N ILE A 33 -20.78 -11.72 19.78
CA ILE A 33 -19.54 -10.93 19.81
C ILE A 33 -19.85 -9.45 19.99
N ILE A 34 -20.74 -8.92 19.15
CA ILE A 34 -21.13 -7.51 19.28
C ILE A 34 -21.73 -7.27 20.64
N ASP A 35 -22.61 -8.17 21.09
CA ASP A 35 -23.36 -7.96 22.31
C ASP A 35 -22.44 -7.82 23.50
N GLU A 36 -21.37 -8.63 23.54
CA GLU A 36 -20.50 -8.74 24.69
C GLU A 36 -19.26 -7.86 24.62
N GLN A 37 -18.85 -7.44 23.42
CA GLN A 37 -17.58 -6.74 23.25
C GLN A 37 -17.67 -5.40 22.56
N TYR A 38 -18.72 -5.13 21.78
CA TYR A 38 -18.80 -3.85 21.09
C TYR A 38 -19.10 -2.77 22.12
N CYS A 39 -18.40 -1.64 22.00
CA CYS A 39 -18.40 -0.67 23.08
C CYS A 39 -19.34 0.51 22.85
N PHE A 40 -20.13 0.52 21.77
CA PHE A 40 -20.99 1.67 21.54
C PHE A 40 -22.48 1.33 21.54
N LEU A 41 -22.87 0.21 22.14
CA LEU A 41 -24.29 -0.16 22.14
C LEU A 41 -25.12 0.79 23.01
N ASP A 42 -24.64 1.12 24.21
CA ASP A 42 -25.34 2.09 25.04
C ASP A 42 -25.16 3.51 24.51
N TYR A 43 -23.91 3.87 24.15
CA TYR A 43 -23.63 5.21 23.67
C TYR A 43 -24.54 5.60 22.52
N LYS A 44 -24.81 4.65 21.61
CA LYS A 44 -25.64 4.92 20.45
C LYS A 44 -27.09 4.51 20.64
N GLN A 45 -27.48 4.06 21.83
CA GLN A 45 -28.89 3.76 22.13
C GLN A 45 -29.45 2.69 21.21
N ILE A 46 -28.84 1.50 21.23
CA ILE A 46 -29.16 0.43 20.29
C ILE A 46 -29.82 -0.72 21.05
N ASP A 47 -30.98 -1.14 20.58
CA ASP A 47 -31.68 -2.32 21.10
C ASP A 47 -31.18 -3.53 20.33
N TRP A 48 -30.02 -4.01 20.77
CA TRP A 48 -29.42 -5.19 20.15
C TRP A 48 -30.31 -6.41 20.33
N ASP A 49 -31.11 -6.43 21.39
CA ASP A 49 -32.03 -7.54 21.62
C ASP A 49 -33.17 -7.52 20.60
N GLU A 50 -33.75 -6.34 20.33
CA GLU A 50 -34.71 -6.24 19.22
C GLU A 50 -34.10 -6.76 17.94
N ILE A 51 -32.87 -6.33 17.66
CA ILE A 51 -32.20 -6.69 16.41
C ILE A 51 -32.02 -8.21 16.35
N HIS A 52 -31.75 -8.84 17.49
CA HIS A 52 -31.61 -10.31 17.47
C HIS A 52 -32.90 -10.97 17.00
N THR A 53 -34.02 -10.62 17.63
CA THR A 53 -35.23 -11.36 17.29
C THR A 53 -35.68 -11.03 15.87
N ARG A 54 -35.37 -9.84 15.37
CA ARG A 54 -35.82 -9.52 14.01
C ARG A 54 -34.95 -10.19 12.95
N TYR A 55 -33.62 -10.18 13.11
CA TYR A 55 -32.75 -10.81 12.13
C TYR A 55 -32.75 -12.33 12.24
N GLN A 56 -33.08 -12.87 13.42
CA GLN A 56 -33.23 -14.32 13.57
C GLN A 56 -34.22 -14.86 12.54
N LYS A 57 -35.26 -14.08 12.26
CA LYS A 57 -36.31 -14.54 11.36
C LYS A 57 -35.83 -14.64 9.92
N LEU A 58 -34.70 -14.03 9.60
CA LEU A 58 -34.18 -14.01 8.23
C LEU A 58 -33.06 -14.99 8.01
N ILE A 59 -32.57 -15.63 9.07
CA ILE A 59 -31.48 -16.60 8.98
C ILE A 59 -32.06 -17.99 8.87
N THR A 60 -31.74 -18.70 7.80
CA THR A 60 -32.29 -20.03 7.56
C THR A 60 -31.19 -21.03 7.22
N PRO A 61 -31.47 -22.33 7.38
CA PRO A 61 -30.63 -23.35 6.72
C PRO A 61 -30.56 -23.08 5.22
N ASN A 62 -29.42 -23.46 4.65
CA ASN A 62 -29.19 -23.53 3.21
C ASN A 62 -29.20 -22.18 2.51
N MET A 63 -29.12 -21.06 3.20
CA MET A 63 -28.95 -19.83 2.44
C MET A 63 -27.54 -19.87 1.86
N GLY A 64 -27.35 -19.28 0.72
CA GLY A 64 -26.00 -19.28 0.19
C GLY A 64 -25.09 -18.39 1.02
N SER A 65 -23.79 -18.44 0.71
CA SER A 65 -22.87 -17.49 1.33
C SER A 65 -23.23 -16.06 0.95
N GLU A 66 -23.74 -15.87 -0.26
CA GLU A 66 -24.13 -14.53 -0.68
C GLU A 66 -25.30 -14.01 0.18
N GLY A 67 -26.35 -14.83 0.36
CA GLY A 67 -27.48 -14.39 1.17
C GLY A 67 -27.10 -14.15 2.63
N LEU A 68 -26.31 -15.04 3.22
CA LEU A 68 -25.96 -14.91 4.64
C LEU A 68 -25.10 -13.68 4.82
N PHE A 69 -24.18 -13.44 3.91
CA PHE A 69 -23.32 -12.28 4.04
C PHE A 69 -24.14 -11.00 3.97
N GLU A 70 -25.15 -10.97 3.10
CA GLU A 70 -25.95 -9.75 2.97
C GLU A 70 -26.79 -9.51 4.22
N VAL A 71 -27.32 -10.58 4.81
CA VAL A 71 -28.15 -10.43 6.01
C VAL A 71 -27.30 -10.00 7.20
N LEU A 72 -26.18 -10.68 7.45
CA LEU A 72 -25.31 -10.30 8.57
C LEU A 72 -24.75 -8.90 8.37
N SER A 73 -24.49 -8.53 7.12
CA SER A 73 -24.03 -7.17 6.84
C SER A 73 -25.09 -6.15 7.27
N GLU A 74 -26.35 -6.37 6.88
CA GLU A 74 -27.40 -5.42 7.25
C GLU A 74 -27.60 -5.38 8.76
N MET A 75 -27.44 -6.52 9.43
CA MET A 75 -27.53 -6.47 10.89
C MET A 75 -26.45 -5.55 11.47
N LEU A 76 -25.22 -5.58 10.93
CA LEU A 76 -24.16 -4.69 11.44
C LEU A 76 -24.36 -3.23 11.01
N TYR A 77 -24.97 -3.01 9.83
CA TYR A 77 -25.34 -1.67 9.42
C TYR A 77 -26.25 -0.99 10.43
N GLU A 78 -26.97 -1.77 11.21
CA GLU A 78 -27.85 -1.15 12.22
C GLU A 78 -27.05 -0.45 13.32
N LEU A 79 -25.77 -0.76 13.46
CA LEU A 79 -24.89 -0.01 14.34
C LEU A 79 -24.42 1.31 13.73
N GLN A 80 -24.58 1.49 12.43
CA GLN A 80 -24.20 2.72 11.74
C GLN A 80 -22.77 3.13 12.11
N ASP A 81 -21.83 2.26 11.84
CA ASP A 81 -20.44 2.46 12.28
C ASP A 81 -19.53 2.02 11.14
N GLY A 82 -18.84 2.98 10.54
CA GLY A 82 -17.93 2.65 9.45
C GLY A 82 -16.70 1.87 9.88
N HIS A 83 -16.51 1.71 11.19
CA HIS A 83 -15.40 0.91 11.71
C HIS A 83 -15.87 -0.41 12.29
N VAL A 84 -17.04 -0.87 11.87
CA VAL A 84 -17.43 -2.26 12.07
C VAL A 84 -17.31 -2.90 10.70
N ASN A 85 -16.46 -3.93 10.60
CA ASN A 85 -16.08 -4.51 9.32
C ASN A 85 -16.33 -6.00 9.32
N LEU A 86 -17.00 -6.49 8.28
CA LEU A 86 -17.24 -7.92 8.09
C LEU A 86 -16.59 -8.34 6.77
N ALA A 87 -15.75 -9.37 6.83
CA ALA A 87 -14.95 -9.80 5.68
C ALA A 87 -15.15 -11.28 5.42
N SER A 88 -15.45 -11.61 4.18
CA SER A 88 -15.54 -12.98 3.71
C SER A 88 -14.53 -13.19 2.58
N ALA A 89 -14.63 -14.34 1.91
CA ALA A 89 -13.78 -14.59 0.76
C ALA A 89 -14.21 -13.78 -0.45
N HIS A 90 -15.48 -13.34 -0.51
CA HIS A 90 -15.97 -12.63 -1.68
C HIS A 90 -16.20 -11.14 -1.47
N ASN A 91 -16.30 -10.66 -0.22
CA ASN A 91 -16.58 -9.25 -0.05
C ASN A 91 -16.23 -8.82 1.36
N VAL A 92 -16.23 -7.50 1.54
CA VAL A 92 -16.05 -6.84 2.82
C VAL A 92 -17.19 -5.85 2.95
N SER A 93 -17.74 -5.74 4.14
CA SER A 93 -18.88 -4.88 4.39
C SER A 93 -18.52 -3.83 5.44
N TYR A 94 -19.01 -2.61 5.25
CA TYR A 94 -18.94 -1.59 6.30
C TYR A 94 -19.88 -0.45 5.98
N TYR A 95 -20.42 0.18 7.03
CA TYR A 95 -21.27 1.37 6.89
C TYR A 95 -20.54 2.51 6.16
N ASP A 96 -21.07 2.93 5.00
CA ASP A 96 -20.29 3.61 3.98
C ASP A 96 -20.41 5.13 3.98
N ALA A 97 -21.61 5.68 4.20
CA ALA A 97 -21.77 7.13 4.29
C ALA A 97 -20.66 7.73 5.14
N TRP A 98 -20.25 6.97 6.15
CA TRP A 98 -19.16 7.36 7.05
C TRP A 98 -18.03 8.13 6.36
N TYR A 99 -17.41 7.51 5.36
CA TYR A 99 -16.23 8.08 4.71
C TYR A 99 -16.60 8.93 3.50
N GLN A 100 -17.53 8.45 2.68
CA GLN A 100 -17.75 8.96 1.33
C GLN A 100 -18.85 10.00 1.25
N ASP A 101 -19.18 10.63 2.38
CA ASP A 101 -19.95 11.86 2.41
C ASP A 101 -19.06 13.10 2.41
N TYR A 102 -17.75 12.94 2.65
CA TYR A 102 -16.62 13.89 2.71
C TYR A 102 -15.80 13.85 1.42
N PRO A 103 -15.27 14.97 0.94
CA PRO A 103 -14.39 14.93 -0.23
C PRO A 103 -13.08 14.20 0.03
N ARG A 104 -12.47 13.80 -1.09
CA ARG A 104 -11.22 13.04 -1.05
C ARG A 104 -10.11 13.83 -0.36
N ASN A 105 -9.82 15.03 -0.87
CA ASN A 105 -8.83 15.92 -0.27
C ASN A 105 -7.42 15.37 -0.30
N PHE A 106 -7.13 14.49 -1.26
CA PHE A 106 -5.76 14.05 -1.49
C PHE A 106 -5.65 13.56 -2.92
N ARG A 107 -4.57 13.95 -3.60
CA ARG A 107 -4.30 13.54 -4.98
C ARG A 107 -2.85 13.05 -5.08
N ALA A 108 -2.66 11.74 -5.25
CA ALA A 108 -1.30 11.21 -5.19
C ALA A 108 -0.50 11.60 -6.42
N ASP A 109 -1.12 11.66 -7.59
CA ASP A 109 -0.41 12.10 -8.79
C ASP A 109 0.00 13.56 -8.69
N LEU A 110 -0.85 14.41 -8.09
CA LEU A 110 -0.50 15.81 -7.93
C LEU A 110 0.64 15.95 -6.95
N LEU A 111 0.58 15.22 -5.84
CA LEU A 111 1.68 15.27 -4.88
C LEU A 111 2.99 14.92 -5.55
N GLU A 112 3.01 13.87 -6.36
CA GLU A 112 4.31 13.48 -6.90
C GLU A 112 4.76 14.46 -8.00
N ASP A 113 3.84 14.95 -8.83
CA ASP A 113 4.25 15.84 -9.91
C ASP A 113 4.73 17.20 -9.39
N SER A 114 4.06 17.75 -8.38
CA SER A 114 4.28 19.15 -8.00
C SER A 114 5.08 19.31 -6.72
N TYR A 115 5.21 18.30 -5.89
CA TYR A 115 5.90 18.45 -4.61
C TYR A 115 7.04 17.47 -4.48
N LEU A 116 6.79 16.16 -4.59
CA LEU A 116 7.83 15.18 -4.32
C LEU A 116 8.81 15.06 -5.50
N GLY A 117 8.28 14.93 -6.72
CA GLY A 117 9.15 14.67 -7.89
C GLY A 117 9.64 13.22 -7.95
N ARG A 118 10.89 13.06 -8.45
CA ARG A 118 11.53 11.78 -8.70
C ARG A 118 12.30 11.28 -7.47
N ALA A 119 12.08 10.02 -7.07
CA ALA A 119 12.77 9.48 -5.90
C ALA A 119 14.29 9.48 -6.07
N SER A 120 14.77 9.31 -7.29
CA SER A 120 16.21 9.23 -7.48
C SER A 120 16.94 10.52 -7.13
N THR A 121 16.30 11.67 -7.31
CA THR A 121 17.01 12.91 -7.00
C THR A 121 16.21 13.92 -6.20
N ASP A 122 14.87 13.89 -6.30
CA ASP A 122 14.05 14.99 -5.81
C ASP A 122 13.52 14.81 -4.39
N TYR A 123 13.57 13.60 -3.83
CA TYR A 123 13.25 13.40 -2.43
C TYR A 123 14.02 12.21 -1.92
N ARG A 124 13.96 12.03 -0.61
CA ARG A 124 14.67 10.96 0.07
C ARG A 124 13.69 9.98 0.70
N THR A 125 14.14 8.74 0.87
CA THR A 125 13.28 7.67 1.38
C THR A 125 13.94 7.01 2.57
N ALA A 126 13.36 7.17 3.75
CA ALA A 126 13.83 6.56 4.98
C ALA A 126 12.74 5.57 5.39
N ALA A 127 12.91 4.31 4.99
CA ALA A 127 11.91 3.26 5.16
C ALA A 127 10.56 3.83 4.75
N GLY A 128 9.59 3.84 5.65
CA GLY A 128 8.25 4.27 5.30
C GLY A 128 8.07 5.75 5.02
N LEU A 129 9.08 6.59 5.31
CA LEU A 129 8.94 8.04 5.14
C LEU A 129 9.58 8.50 3.84
N LYS A 130 8.83 9.29 3.07
CA LYS A 130 9.36 10.09 1.98
C LYS A 130 9.48 11.53 2.45
N TYR A 131 10.63 12.16 2.20
CA TYR A 131 10.85 13.47 2.80
C TYR A 131 11.79 14.31 1.96
N LYS A 132 11.67 15.61 2.13
CA LYS A 132 12.51 16.54 1.38
C LYS A 132 12.35 17.95 1.96
N ILE A 133 13.27 18.80 1.54
CA ILE A 133 13.20 20.24 1.77
C ILE A 133 12.51 20.89 0.57
N LEU A 134 11.40 21.56 0.82
CA LEU A 134 10.76 22.30 -0.25
C LEU A 134 11.46 23.64 -0.48
N LYS A 135 11.07 24.28 -1.60
CA LYS A 135 11.82 25.42 -2.12
C LYS A 135 11.82 26.63 -1.19
N ASP A 136 10.92 26.68 -0.20
CA ASP A 136 10.85 27.82 0.72
C ASP A 136 11.46 27.47 2.08
N ASN A 137 12.20 26.38 2.14
CA ASN A 137 12.86 25.90 3.35
C ASN A 137 11.86 25.39 4.37
N ILE A 138 10.76 24.81 3.89
CA ILE A 138 9.80 24.09 4.73
C ILE A 138 10.06 22.61 4.52
N GLY A 139 10.21 21.87 5.62
CA GLY A 139 10.39 20.45 5.53
C GLY A 139 9.06 19.74 5.28
N TYR A 140 9.12 18.64 4.52
CA TYR A 140 7.91 17.90 4.15
C TYR A 140 8.14 16.40 4.26
N ILE A 141 7.29 15.73 5.04
CA ILE A 141 7.34 14.28 5.27
C ILE A 141 6.01 13.69 4.82
N ARG A 142 6.06 12.75 3.88
CA ARG A 142 4.86 12.02 3.48
C ARG A 142 4.94 10.62 4.09
N TYR A 143 3.92 10.24 4.85
CA TYR A 143 3.85 8.92 5.47
C TYR A 143 2.53 8.29 5.03
N GLU A 144 2.63 7.43 4.03
CA GLU A 144 1.46 6.87 3.36
C GLU A 144 0.70 5.87 4.23
N SER A 145 1.42 5.07 5.02
CA SER A 145 0.82 3.87 5.61
C SER A 145 1.58 3.44 6.86
N PHE A 146 0.83 3.28 7.96
CA PHE A 146 1.40 2.69 9.17
C PHE A 146 1.65 1.20 9.02
N ALA A 147 1.27 0.63 7.88
CA ALA A 147 1.69 -0.74 7.55
C ALA A 147 3.12 -0.78 7.04
N ASP A 148 3.75 0.40 6.81
CA ASP A 148 5.14 0.48 6.37
C ASP A 148 6.03 0.76 7.58
N PRO A 149 7.09 -0.01 7.81
CA PRO A 149 7.91 0.22 9.01
C PRO A 149 8.58 1.58 8.98
N VAL A 150 8.71 2.17 10.17
CA VAL A 150 9.55 3.33 10.43
C VAL A 150 10.35 3.06 11.70
N GLY A 151 11.69 3.05 11.59
CA GLY A 151 12.55 2.75 12.72
C GLY A 151 13.03 4.03 13.39
N ASN A 152 13.64 3.88 14.56
CA ASN A 152 14.15 5.05 15.27
C ASN A 152 15.35 5.66 14.54
N GLY A 153 16.15 4.84 13.86
CA GLY A 153 17.24 5.36 13.03
C GLY A 153 16.75 6.19 11.85
N ASN A 154 15.68 5.73 11.20
CA ASN A 154 15.04 6.48 10.12
C ASN A 154 14.62 7.87 10.61
N LEU A 155 14.03 7.92 11.81
CA LEU A 155 13.53 9.19 12.33
C LEU A 155 14.65 10.15 12.73
N ASP A 156 15.73 9.62 13.33
CA ASP A 156 16.95 10.40 13.58
C ASP A 156 17.45 11.05 12.30
N GLU A 157 17.53 10.27 11.21
CA GLU A 157 18.07 10.79 9.95
C GLU A 157 17.16 11.84 9.36
N VAL A 158 15.84 11.59 9.38
CA VAL A 158 14.90 12.54 8.78
C VAL A 158 14.93 13.88 9.51
N LEU A 159 14.79 13.84 10.84
CA LEU A 159 14.65 15.08 11.60
C LEU A 159 15.99 15.81 11.69
N SER A 160 17.11 15.11 11.55
CA SER A 160 18.40 15.80 11.45
C SER A 160 18.56 16.51 10.12
N TYR A 161 18.20 15.84 9.02
CA TYR A 161 18.32 16.44 7.70
C TYR A 161 17.45 17.70 7.59
N LEU A 162 16.24 17.63 8.14
CA LEU A 162 15.26 18.71 8.03
C LEU A 162 15.42 19.78 9.11
N SER A 163 16.40 19.64 10.00
CA SER A 163 16.53 20.61 11.10
C SER A 163 16.83 22.02 10.59
N VAL A 164 17.41 22.15 9.39
CA VAL A 164 17.69 23.43 8.78
C VAL A 164 16.40 24.17 8.35
N CYS A 165 15.28 23.46 8.23
CA CYS A 165 14.05 24.08 7.73
C CYS A 165 13.42 24.94 8.81
N ASN A 166 12.59 25.89 8.37
CA ASN A 166 11.89 26.79 9.29
C ASN A 166 10.66 26.15 9.92
N GLY A 167 10.06 25.15 9.29
CA GLY A 167 8.93 24.43 9.87
C GLY A 167 8.80 23.12 9.14
N LEU A 168 7.86 22.29 9.62
CA LEU A 168 7.74 20.92 9.13
C LEU A 168 6.29 20.53 8.89
N ILE A 169 6.04 19.88 7.75
CA ILE A 169 4.72 19.36 7.39
C ILE A 169 4.81 17.84 7.44
N ILE A 170 3.86 17.22 8.16
CA ILE A 170 3.71 15.76 8.16
C ILE A 170 2.36 15.41 7.54
N ASP A 171 2.37 14.70 6.42
CA ASP A 171 1.19 14.45 5.62
C ASP A 171 0.78 13.00 5.80
N VAL A 172 -0.28 12.79 6.58
CA VAL A 172 -0.83 11.46 6.80
C VAL A 172 -2.23 11.33 6.19
N ARG A 173 -2.54 12.14 5.17
CA ARG A 173 -3.78 11.96 4.44
C ARG A 173 -3.79 10.59 3.74
N ASP A 174 -4.96 9.99 3.67
CA ASP A 174 -5.16 8.71 3.00
C ASP A 174 -4.38 7.59 3.67
N ASN A 175 -3.87 7.82 4.87
CA ASN A 175 -3.16 6.79 5.64
C ASN A 175 -4.19 6.03 6.48
N GLY A 176 -4.60 4.86 6.00
CA GLY A 176 -5.60 4.04 6.63
C GLY A 176 -5.16 3.25 7.84
N GLY A 177 -3.95 3.47 8.31
CA GLY A 177 -3.44 2.78 9.47
C GLY A 177 -2.50 1.65 9.13
N GLY A 178 -2.47 0.64 9.98
CA GLY A 178 -1.52 -0.45 9.87
C GLY A 178 -0.81 -0.70 11.18
N ASN A 179 -0.09 -1.83 11.21
CA ASN A 179 0.51 -2.32 12.44
C ASN A 179 2.03 -2.42 12.42
N ALA A 180 2.71 -1.89 11.39
CA ALA A 180 4.15 -2.03 11.33
C ALA A 180 4.90 -1.04 12.22
N THR A 181 4.24 0.05 12.62
CA THR A 181 4.83 1.18 13.32
C THR A 181 3.82 1.72 14.33
N ASN A 182 4.21 1.91 15.58
CA ASN A 182 3.28 2.47 16.55
C ASN A 182 3.19 3.98 16.39
N SER A 183 1.99 4.52 16.59
CA SER A 183 1.80 5.95 16.40
C SER A 183 2.68 6.76 17.35
N ALA A 184 2.97 6.22 18.54
CA ALA A 184 3.78 6.93 19.53
C ALA A 184 5.25 7.01 19.10
N ARG A 185 5.72 6.04 18.30
CA ARG A 185 7.12 6.10 17.87
C ARG A 185 7.39 7.39 17.09
N ILE A 186 6.44 7.81 16.28
CA ILE A 186 6.62 9.04 15.50
C ILE A 186 6.29 10.24 16.38
N ALA A 187 5.16 10.18 17.09
CA ALA A 187 4.69 11.37 17.77
C ALA A 187 5.63 11.77 18.90
N SER A 188 6.35 10.82 19.48
CA SER A 188 7.23 11.13 20.61
C SER A 188 8.42 11.97 20.19
N ARG A 189 8.63 12.16 18.90
CA ARG A 189 9.69 13.00 18.37
C ARG A 189 9.35 14.47 18.50
N PHE A 190 8.12 14.79 18.92
CA PHE A 190 7.64 16.16 18.93
C PHE A 190 7.25 16.62 20.33
N THR A 191 7.66 15.91 21.37
CA THR A 191 7.51 16.40 22.73
C THR A 191 8.84 16.22 23.45
N ASN A 192 9.22 17.20 24.27
CA ASN A 192 10.39 17.08 25.12
C ASN A 192 10.03 16.71 26.54
N GLU A 193 8.73 16.61 26.87
CA GLU A 193 8.27 16.29 28.21
C GLU A 193 7.19 15.22 28.15
N LYS A 194 7.14 14.38 29.18
CA LYS A 194 6.00 13.47 29.32
C LYS A 194 4.70 14.27 29.36
N ILE A 195 3.73 13.90 28.53
CA ILE A 195 2.51 14.66 28.40
C ILE A 195 1.34 13.70 28.20
N LEU A 196 0.25 13.99 28.93
CA LEU A 196 -0.99 13.24 28.76
C LEU A 196 -1.64 13.60 27.42
N THR A 197 -1.90 12.61 26.56
CA THR A 197 -2.50 12.92 25.27
C THR A 197 -3.89 12.31 25.06
N GLY A 198 -4.35 11.43 25.94
CA GLY A 198 -5.67 10.87 25.77
C GLY A 198 -6.00 9.90 26.88
N TYR A 199 -7.09 9.18 26.65
CA TYR A 199 -7.58 8.20 27.62
C TYR A 199 -8.14 7.00 26.86
N ILE A 200 -8.11 5.83 27.52
CA ILE A 200 -8.70 4.61 27.00
C ILE A 200 -9.41 3.88 28.14
N SER A 201 -10.66 3.48 27.90
CA SER A 201 -11.39 2.55 28.73
C SER A 201 -11.40 1.19 28.04
N HIS A 202 -11.49 0.13 28.84
CA HIS A 202 -11.72 -1.20 28.29
C HIS A 202 -12.91 -1.81 29.00
N LYS A 203 -13.51 -2.76 28.32
CA LYS A 203 -14.68 -3.43 28.88
C LYS A 203 -14.25 -4.31 30.04
N THR A 204 -15.12 -4.41 31.02
CA THR A 204 -14.87 -5.20 32.22
C THR A 204 -15.86 -6.33 32.37
N GLY A 205 -16.76 -6.50 31.42
CA GLY A 205 -17.86 -7.44 31.55
C GLY A 205 -18.67 -7.39 30.27
N THR A 206 -19.68 -8.23 30.20
CA THR A 206 -20.45 -8.35 28.97
C THR A 206 -21.57 -7.33 28.86
N GLY A 207 -21.90 -6.64 29.96
CA GLY A 207 -22.91 -5.60 29.89
C GLY A 207 -22.51 -4.48 28.95
N HIS A 208 -23.52 -3.84 28.32
CA HIS A 208 -23.23 -2.83 27.31
C HIS A 208 -22.58 -1.58 27.89
N ASN A 209 -22.51 -1.44 29.20
CA ASN A 209 -21.85 -0.31 29.83
C ASN A 209 -20.84 -0.76 30.88
N ASP A 210 -20.35 -2.00 30.77
CA ASP A 210 -19.37 -2.55 31.70
C ASP A 210 -17.98 -2.11 31.28
N PHE A 211 -17.53 -0.97 31.82
CA PHE A 211 -16.30 -0.30 31.40
C PHE A 211 -15.47 0.09 32.63
N SER A 212 -14.16 0.08 32.43
CA SER A 212 -13.24 0.56 33.44
C SER A 212 -13.26 2.09 33.49
N LYS A 213 -12.74 2.62 34.56
CA LYS A 213 -12.42 4.04 34.54
C LYS A 213 -11.40 4.28 33.42
N PRO A 214 -11.45 5.43 32.77
CA PRO A 214 -10.46 5.69 31.71
C PRO A 214 -9.04 5.73 32.23
N TYR A 215 -8.13 5.14 31.48
CA TYR A 215 -6.71 5.10 31.80
C TYR A 215 -5.98 6.12 30.95
N ALA A 216 -5.15 6.92 31.59
CA ALA A 216 -4.44 7.96 30.88
C ALA A 216 -3.43 7.36 29.92
N ILE A 217 -3.31 7.98 28.76
CA ILE A 217 -2.30 7.66 27.76
C ILE A 217 -1.27 8.78 27.81
N TYR A 218 -0.01 8.44 28.08
CA TYR A 218 1.08 9.41 28.11
C TYR A 218 2.02 9.21 26.93
N LEU A 219 2.52 10.30 26.39
CA LEU A 219 3.54 10.31 25.36
C LEU A 219 4.83 10.76 26.01
N GLU A 220 5.82 9.99 25.90
CA GLU A 220 7.11 10.30 26.48
C GLU A 220 8.08 10.76 25.39
N PRO A 221 9.03 11.63 25.71
CA PRO A 221 9.95 12.10 24.68
C PRO A 221 10.80 10.97 24.13
N ALA A 222 10.99 10.97 22.82
CA ALA A 222 11.77 9.93 22.19
C ALA A 222 13.22 9.96 22.62
N ASN A 223 13.84 8.76 22.62
CA ASN A 223 15.27 8.62 22.85
C ASN A 223 16.01 8.70 21.50
N GLY A 224 16.06 9.92 20.99
CA GLY A 224 16.68 10.21 19.71
C GLY A 224 16.38 11.65 19.33
N VAL A 225 16.76 11.98 18.09
CA VAL A 225 16.58 13.34 17.60
C VAL A 225 15.12 13.76 17.72
N ARG A 226 14.90 14.97 18.24
CA ARG A 226 13.54 15.50 18.35
C ARG A 226 13.45 16.84 17.64
N TRP A 227 12.23 17.20 17.26
CA TRP A 227 11.93 18.36 16.43
C TRP A 227 11.57 19.54 17.33
N GLN A 228 12.23 20.67 17.14
CA GLN A 228 12.07 21.81 18.06
C GLN A 228 11.43 23.02 17.41
N LYS A 229 10.88 22.89 16.19
CA LYS A 229 10.19 24.00 15.54
C LYS A 229 8.71 23.66 15.34
N LYS A 230 8.00 24.54 14.63
CA LYS A 230 6.58 24.33 14.41
C LYS A 230 6.33 23.18 13.44
N VAL A 231 5.16 22.57 13.56
CA VAL A 231 4.74 21.39 12.81
C VAL A 231 3.30 21.60 12.34
N VAL A 232 3.03 21.26 11.09
CA VAL A 232 1.66 21.05 10.60
C VAL A 232 1.50 19.57 10.27
N VAL A 233 0.40 18.98 10.71
CA VAL A 233 0.02 17.61 10.34
C VAL A 233 -1.20 17.73 9.45
N LEU A 234 -1.12 17.19 8.23
CA LEU A 234 -2.23 17.20 7.29
C LEU A 234 -3.08 15.93 7.42
N THR A 235 -4.41 16.11 7.47
CA THR A 235 -5.34 15.05 7.76
C THR A 235 -6.52 15.05 6.78
N ASN A 236 -7.11 13.87 6.55
CA ASN A 236 -8.35 13.81 5.81
C ASN A 236 -9.18 12.64 6.29
N ARG A 237 -10.35 12.48 5.69
CA ARG A 237 -11.33 11.53 6.19
C ARG A 237 -10.86 10.10 5.97
N ARG A 238 -9.85 9.91 5.16
CA ARG A 238 -9.25 8.60 4.93
C ARG A 238 -7.96 8.42 5.72
N SER A 239 -7.69 9.32 6.68
CA SER A 239 -6.74 9.07 7.76
C SER A 239 -7.47 8.34 8.89
N PHE A 240 -7.12 7.08 9.15
CA PHE A 240 -7.79 6.47 10.28
C PHE A 240 -6.99 5.34 10.92
N SER A 241 -7.61 4.78 11.98
CA SER A 241 -7.10 3.64 12.79
C SER A 241 -5.83 4.12 13.46
N ALA A 242 -4.66 3.48 13.27
CA ALA A 242 -3.46 3.99 13.94
C ALA A 242 -3.20 5.46 13.59
N THR A 243 -3.53 5.88 12.37
CA THR A 243 -3.32 7.28 12.04
C THR A 243 -4.14 8.19 12.93
N ASN A 244 -5.36 7.75 13.32
CA ASN A 244 -6.18 8.57 14.20
C ASN A 244 -5.51 8.73 15.56
N ASP A 245 -4.93 7.63 16.08
CA ASP A 245 -4.16 7.70 17.32
C ASP A 245 -2.98 8.66 17.19
N PHE A 246 -2.28 8.62 16.05
CA PHE A 246 -1.17 9.56 15.81
C PHE A 246 -1.65 11.01 15.84
N VAL A 247 -2.69 11.33 15.07
CA VAL A 247 -3.26 12.67 15.10
C VAL A 247 -3.62 13.09 16.51
N ASN A 248 -4.24 12.17 17.25
CA ASN A 248 -4.64 12.49 18.62
C ASN A 248 -3.43 12.80 19.51
N HIS A 249 -2.34 12.04 19.38
CA HIS A 249 -1.09 12.38 20.06
C HIS A 249 -0.62 13.78 19.66
N MET A 250 -0.56 14.02 18.35
CA MET A 250 0.15 15.19 17.87
C MET A 250 -0.57 16.47 18.19
N ARG A 251 -1.90 16.45 18.20
CA ARG A 251 -2.58 17.73 18.31
C ARG A 251 -2.53 18.30 19.72
N CYS A 252 -2.12 17.52 20.72
CA CYS A 252 -1.92 18.08 22.05
C CYS A 252 -0.63 18.88 22.17
N LEU A 253 0.27 18.73 21.30
CA LEU A 253 1.63 19.19 21.54
C LEU A 253 1.80 20.66 21.16
N PRO A 254 2.67 21.36 21.88
CA PRO A 254 2.72 22.83 21.73
C PRO A 254 3.04 23.33 20.33
N ASN A 255 3.94 22.70 19.58
CA ASN A 255 4.30 23.26 18.28
C ASN A 255 3.43 22.77 17.09
N VAL A 256 2.33 22.04 17.32
CA VAL A 256 1.62 21.33 16.26
C VAL A 256 0.28 21.98 15.94
N THR A 257 0.03 22.19 14.65
CA THR A 257 -1.26 22.58 14.10
C THR A 257 -1.72 21.52 13.09
N THR A 258 -2.97 21.05 13.22
CA THR A 258 -3.56 20.13 12.23
C THR A 258 -4.40 20.90 11.21
N ILE A 259 -4.23 20.56 9.92
CA ILE A 259 -4.91 21.22 8.81
C ILE A 259 -5.51 20.17 7.89
N GLY A 260 -6.74 20.42 7.42
CA GLY A 260 -7.36 19.55 6.44
C GLY A 260 -8.80 19.21 6.77
N ASP A 261 -9.12 17.93 6.79
CA ASP A 261 -10.48 17.49 7.08
C ASP A 261 -10.49 16.70 8.38
N LYS A 262 -11.69 16.53 8.92
CA LYS A 262 -11.88 15.57 10.01
C LYS A 262 -11.28 14.23 9.64
N THR A 263 -10.64 13.57 10.61
CA THR A 263 -10.08 12.25 10.32
C THR A 263 -11.22 11.22 10.21
N GLY A 264 -10.88 10.04 9.71
CA GLY A 264 -11.88 8.96 9.57
C GLY A 264 -12.20 8.20 10.85
N GLY A 265 -11.49 8.47 11.95
CA GLY A 265 -11.84 7.84 13.20
C GLY A 265 -11.21 6.47 13.34
N GLY A 266 -11.86 5.62 14.13
CA GLY A 266 -11.25 4.35 14.47
C GLY A 266 -10.13 4.50 15.49
N SER A 267 -9.38 3.40 15.66
CA SER A 267 -8.21 3.41 16.53
C SER A 267 -7.22 2.34 16.05
N GLY A 268 -6.03 2.36 16.63
CA GLY A 268 -5.09 1.33 16.26
C GLY A 268 -5.25 0.03 17.02
N MET A 269 -6.31 -0.09 17.81
CA MET A 269 -6.56 -1.23 18.69
C MET A 269 -7.93 -1.88 18.50
N PRO A 270 -8.39 -2.08 17.28
CA PRO A 270 -9.67 -2.79 17.12
C PRO A 270 -9.58 -4.23 17.59
N PHE A 271 -10.73 -4.76 17.96
CA PHE A 271 -10.87 -6.18 18.28
C PHE A 271 -11.31 -6.92 17.01
N THR A 272 -10.71 -8.08 16.76
CA THR A 272 -11.03 -8.92 15.60
C THR A 272 -11.42 -10.31 16.08
N SER A 273 -12.43 -10.89 15.45
CA SER A 273 -12.93 -12.19 15.83
C SER A 273 -13.38 -12.93 14.58
N GLU A 274 -13.27 -14.25 14.62
CA GLU A 274 -13.57 -15.12 13.48
C GLU A 274 -14.89 -15.86 13.71
N LEU A 275 -15.70 -15.92 12.68
CA LEU A 275 -16.93 -16.66 12.77
C LEU A 275 -16.67 -18.11 12.46
N PRO A 276 -17.58 -18.99 12.82
CA PRO A 276 -17.39 -20.41 12.52
C PRO A 276 -17.04 -20.67 11.07
N ASN A 277 -17.53 -19.85 10.15
CA ASN A 277 -17.38 -20.08 8.71
C ASN A 277 -16.13 -19.43 8.14
N GLY A 278 -15.30 -18.85 9.01
CA GLY A 278 -14.03 -18.29 8.65
C GLY A 278 -14.04 -16.81 8.41
N TRP A 279 -15.23 -16.24 8.24
CA TRP A 279 -15.31 -14.81 8.09
C TRP A 279 -14.85 -14.12 9.37
N SER A 280 -14.48 -12.88 9.24
CA SER A 280 -13.91 -12.14 10.35
C SER A 280 -14.61 -10.80 10.51
N VAL A 281 -14.80 -10.40 11.77
CA VAL A 281 -15.44 -9.13 12.10
C VAL A 281 -14.42 -8.29 12.88
N ARG A 282 -14.39 -7.01 12.57
CA ARG A 282 -13.53 -6.06 13.27
C ARG A 282 -14.37 -4.88 13.75
N PHE A 283 -14.09 -4.41 14.96
CA PHE A 283 -14.91 -3.34 15.54
C PHE A 283 -14.19 -2.81 16.77
N SER A 284 -14.73 -1.72 17.32
CA SER A 284 -14.13 -1.09 18.51
C SER A 284 -14.61 -1.79 19.77
N ALA A 285 -13.66 -2.21 20.59
CA ALA A 285 -13.91 -2.75 21.93
C ALA A 285 -13.43 -1.88 23.08
N SER A 286 -12.50 -0.94 22.84
CA SER A 286 -11.96 -0.09 23.91
C SER A 286 -12.08 1.39 23.54
N PRO A 287 -13.03 2.10 24.13
CA PRO A 287 -13.21 3.53 23.78
C PRO A 287 -11.94 4.33 23.96
N HIS A 288 -11.59 5.12 22.95
CA HIS A 288 -10.47 6.05 23.01
C HIS A 288 -10.94 7.50 23.12
N PHE A 289 -10.30 8.28 23.98
CA PHE A 289 -10.69 9.67 24.16
C PHE A 289 -9.48 10.57 24.00
N ASP A 290 -9.77 11.81 23.62
CA ASP A 290 -8.71 12.83 23.66
C ASP A 290 -8.49 13.23 25.10
N ALA A 291 -7.61 14.22 25.30
CA ALA A 291 -7.17 14.56 26.65
C ALA A 291 -8.23 15.29 27.45
N GLU A 292 -9.32 15.72 26.82
CA GLU A 292 -10.44 16.35 27.50
C GLU A 292 -11.68 15.44 27.51
N MET A 293 -11.49 14.13 27.28
CA MET A 293 -12.53 13.10 27.44
C MET A 293 -13.60 13.19 26.34
N ASN A 294 -13.22 13.66 25.13
CA ASN A 294 -14.05 13.50 23.94
C ASN A 294 -13.70 12.20 23.21
N HIS A 295 -14.73 11.41 22.88
CA HIS A 295 -14.57 10.30 21.94
C HIS A 295 -13.85 10.77 20.69
N ILE A 296 -12.87 9.99 20.25
CA ILE A 296 -12.15 10.31 19.01
C ILE A 296 -12.45 9.32 17.88
N GLU A 297 -13.17 8.21 18.14
CA GLU A 297 -13.28 7.15 17.14
C GLU A 297 -14.22 7.50 16.00
N PHE A 298 -14.97 8.58 16.13
CA PHE A 298 -15.84 9.06 15.07
C PHE A 298 -15.19 10.15 14.24
N GLY A 299 -13.94 10.49 14.53
CA GLY A 299 -13.20 11.46 13.76
C GLY A 299 -12.71 12.59 14.66
N ILE A 300 -11.56 13.14 14.33
CA ILE A 300 -10.97 14.27 15.05
C ILE A 300 -11.03 15.47 14.11
N GLU A 301 -11.65 16.55 14.57
CA GLU A 301 -11.71 17.78 13.79
C GLU A 301 -10.34 18.41 13.68
N PRO A 302 -9.96 18.95 12.52
CA PRO A 302 -8.67 19.63 12.42
C PRO A 302 -8.73 21.01 13.07
N ASP A 303 -7.53 21.53 13.41
CA ASP A 303 -7.46 22.90 13.95
C ASP A 303 -7.87 23.93 12.91
N ILE A 304 -7.49 23.71 11.66
CA ILE A 304 -7.80 24.59 10.53
C ILE A 304 -8.47 23.73 9.46
N LYS A 305 -9.72 24.04 9.14
CA LYS A 305 -10.51 23.24 8.21
C LYS A 305 -10.23 23.75 6.82
N ALA A 306 -9.73 22.88 5.94
CA ALA A 306 -9.48 23.25 4.55
C ALA A 306 -9.76 22.05 3.67
N ASP A 307 -10.26 22.33 2.45
CA ASP A 307 -10.41 21.34 1.40
C ASP A 307 -9.49 21.71 0.26
N MET A 308 -9.05 20.70 -0.48
CA MET A 308 -8.36 20.95 -1.73
C MET A 308 -9.34 21.58 -2.73
N LEU A 309 -8.93 22.69 -3.33
CA LEU A 309 -9.78 23.42 -4.28
C LEU A 309 -9.41 23.02 -5.70
N GLN A 310 -10.42 22.75 -6.53
CA GLN A 310 -10.15 22.32 -7.89
C GLN A 310 -9.42 23.41 -8.64
N GLU A 311 -9.73 24.68 -8.33
CA GLU A 311 -9.06 25.78 -9.02
C GLU A 311 -7.56 25.79 -8.70
N ASP A 312 -7.17 25.33 -7.51
CA ASP A 312 -5.75 25.20 -7.16
C ASP A 312 -5.13 23.98 -7.86
N GLU A 313 -5.82 22.82 -7.83
CA GLU A 313 -5.29 21.66 -8.53
C GLU A 313 -4.99 21.94 -9.99
N LEU A 314 -5.78 22.80 -10.62
CA LEU A 314 -5.56 23.07 -12.05
C LEU A 314 -4.33 23.95 -12.28
N ARG A 315 -3.88 24.66 -11.23
CA ARG A 315 -2.60 25.36 -11.25
C ARG A 315 -1.45 24.51 -10.75
N GLY A 316 -1.71 23.25 -10.38
CA GLY A 316 -0.69 22.38 -9.87
C GLY A 316 -0.41 22.47 -8.38
N LYS A 317 -1.31 23.04 -7.59
CA LYS A 317 -1.09 23.27 -6.18
C LYS A 317 -2.08 22.46 -5.35
N ASP A 318 -1.60 22.03 -4.18
CA ASP A 318 -2.40 21.34 -3.18
C ASP A 318 -2.76 22.40 -2.14
N THR A 319 -4.06 22.71 -2.04
CA THR A 319 -4.51 23.82 -1.17
C THR A 319 -4.07 23.62 0.27
N LEU A 320 -4.00 22.35 0.71
CA LEU A 320 -3.67 22.07 2.10
C LEU A 320 -2.18 22.25 2.36
N ILE A 321 -1.34 21.77 1.43
CA ILE A 321 0.09 21.97 1.59
C ILE A 321 0.43 23.45 1.50
N GLU A 322 -0.23 24.18 0.58
CA GLU A 322 0.09 25.60 0.44
C GLU A 322 -0.31 26.38 1.67
N MET A 323 -1.47 26.04 2.28
CA MET A 323 -1.84 26.71 3.54
C MET A 323 -0.84 26.37 4.64
N ALA A 324 -0.44 25.11 4.72
CA ALA A 324 0.58 24.70 5.68
C ALA A 324 1.87 25.49 5.51
N ARG A 325 2.35 25.60 4.27
CA ARG A 325 3.57 26.36 4.00
C ARG A 325 3.44 27.79 4.47
N LYS A 326 2.28 28.41 4.21
CA LYS A 326 2.09 29.80 4.55
C LYS A 326 2.02 29.98 6.07
N LEU A 327 1.35 29.07 6.77
CA LEU A 327 1.38 29.11 8.22
C LEU A 327 2.81 29.02 8.75
N LEU A 328 3.61 28.09 8.23
CA LEU A 328 4.92 27.84 8.81
C LEU A 328 5.96 28.90 8.41
N SER A 329 5.60 29.80 7.50
CA SER A 329 6.54 30.80 7.01
C SER A 329 6.63 32.03 7.90
N GLU A 330 5.62 32.24 8.73
CA GLU A 330 5.47 33.42 9.57
C GLU A 330 5.74 33.03 11.02
N ASN B 21 32.76 -3.33 10.47
CA ASN B 21 31.83 -2.24 10.22
C ASN B 21 32.43 -0.83 10.19
N ASN B 22 33.13 -0.50 9.13
CA ASN B 22 33.65 0.83 8.85
C ASN B 22 33.51 1.03 7.34
N PRO B 23 33.88 2.20 6.81
CA PRO B 23 33.61 2.46 5.38
C PRO B 23 34.24 1.43 4.46
N GLN B 24 35.51 1.12 4.69
CA GLN B 24 36.23 0.09 3.93
C GLN B 24 35.50 -1.25 3.95
N GLY B 25 35.12 -1.74 5.13
CA GLY B 25 34.45 -3.03 5.20
C GLY B 25 33.11 -3.05 4.48
N ASN B 26 32.37 -1.93 4.52
CA ASN B 26 31.08 -1.87 3.85
C ASN B 26 31.23 -1.76 2.33
N PHE B 27 32.17 -0.93 1.88
CA PHE B 27 32.54 -0.92 0.47
C PHE B 27 32.86 -2.31 -0.04
N GLU B 28 33.80 -2.99 0.64
CA GLU B 28 34.26 -4.28 0.15
C GLU B 28 33.15 -5.31 0.14
N GLN B 29 32.32 -5.34 1.20
CA GLN B 29 31.23 -6.31 1.22
C GLN B 29 30.25 -6.05 0.07
N LEU B 30 29.88 -4.80 -0.16
CA LEU B 30 28.98 -4.50 -1.26
C LEU B 30 29.59 -4.87 -2.61
N TRP B 31 30.87 -4.52 -2.82
CA TRP B 31 31.53 -4.88 -4.06
C TRP B 31 31.52 -6.39 -4.28
N LYS B 32 31.85 -7.15 -3.23
CA LYS B 32 31.97 -8.60 -3.38
C LYS B 32 30.59 -9.27 -3.54
N ILE B 33 29.55 -8.76 -2.88
CA ILE B 33 28.20 -9.28 -3.10
C ILE B 33 27.81 -9.17 -4.57
N ILE B 34 27.99 -8.00 -5.15
CA ILE B 34 27.72 -7.85 -6.56
C ILE B 34 28.62 -8.77 -7.37
N ASP B 35 29.92 -8.82 -7.02
CA ASP B 35 30.88 -9.56 -7.82
C ASP B 35 30.49 -11.02 -7.96
N GLU B 36 30.00 -11.65 -6.88
CA GLU B 36 29.73 -13.09 -6.96
C GLU B 36 28.26 -13.53 -6.97
N GLN B 37 27.31 -12.61 -6.78
CA GLN B 37 25.89 -12.91 -6.80
C GLN B 37 25.13 -12.22 -7.96
N TYR B 38 25.57 -11.05 -8.44
CA TYR B 38 24.77 -10.32 -9.44
C TYR B 38 24.89 -10.99 -10.80
N CYS B 39 23.75 -11.10 -11.53
CA CYS B 39 23.75 -11.97 -12.70
C CYS B 39 24.01 -11.27 -14.03
N PHE B 40 24.16 -9.94 -14.08
CA PHE B 40 24.30 -9.24 -15.35
C PHE B 40 25.69 -8.60 -15.56
N LEU B 41 26.73 -9.04 -14.84
CA LEU B 41 28.05 -8.44 -15.05
C LEU B 41 28.61 -8.79 -16.43
N ASP B 42 28.49 -10.03 -16.88
CA ASP B 42 28.97 -10.38 -18.21
C ASP B 42 27.99 -9.91 -19.30
N TYR B 43 26.68 -10.08 -19.09
CA TYR B 43 25.71 -9.59 -20.04
C TYR B 43 25.94 -8.13 -20.43
N LYS B 44 26.22 -7.28 -19.43
CA LYS B 44 26.42 -5.84 -19.61
C LYS B 44 27.87 -5.45 -19.82
N GLN B 45 28.79 -6.43 -19.89
CA GLN B 45 30.18 -6.16 -20.25
C GLN B 45 30.84 -5.20 -19.26
N ILE B 46 30.59 -5.41 -17.97
CA ILE B 46 31.12 -4.53 -16.93
C ILE B 46 32.43 -5.10 -16.43
N ASP B 47 33.45 -4.24 -16.33
CA ASP B 47 34.74 -4.66 -15.75
C ASP B 47 34.69 -4.29 -14.27
N TRP B 48 34.12 -5.21 -13.48
CA TRP B 48 33.85 -4.92 -12.07
C TRP B 48 35.14 -4.77 -11.26
N ASP B 49 36.21 -5.43 -11.68
CA ASP B 49 37.51 -5.26 -11.02
C ASP B 49 38.01 -3.83 -11.18
N GLU B 50 37.85 -3.25 -12.38
CA GLU B 50 38.28 -1.86 -12.60
C GLU B 50 37.48 -0.91 -11.73
N ILE B 51 36.21 -1.23 -11.52
CA ILE B 51 35.34 -0.44 -10.62
C ILE B 51 35.85 -0.50 -9.18
N HIS B 52 36.27 -1.68 -8.73
CA HIS B 52 36.84 -1.78 -7.40
C HIS B 52 38.02 -0.83 -7.23
N THR B 53 38.95 -0.87 -8.19
CA THR B 53 40.16 -0.06 -8.11
C THR B 53 39.80 1.42 -8.09
N ARG B 54 38.84 1.81 -8.88
CA ARG B 54 38.56 3.24 -8.99
C ARG B 54 37.79 3.75 -7.77
N TYR B 55 36.85 2.96 -7.25
CA TYR B 55 36.06 3.44 -6.14
C TYR B 55 36.77 3.23 -4.82
N GLN B 56 37.77 2.35 -4.78
CA GLN B 56 38.55 2.23 -3.56
C GLN B 56 39.28 3.53 -3.25
N LYS B 57 39.64 4.30 -4.28
CA LYS B 57 40.29 5.58 -4.06
C LYS B 57 39.43 6.56 -3.30
N LEU B 58 38.12 6.36 -3.29
CA LEU B 58 37.17 7.28 -2.72
C LEU B 58 36.70 6.87 -1.34
N ILE B 59 37.06 5.66 -0.91
CA ILE B 59 36.62 5.11 0.37
C ILE B 59 37.71 5.37 1.37
N THR B 60 37.39 6.13 2.42
CA THR B 60 38.31 6.50 3.48
C THR B 60 37.66 6.29 4.85
N PRO B 61 38.47 6.20 5.89
CA PRO B 61 37.92 6.32 7.24
C PRO B 61 37.15 7.63 7.43
N ASN B 62 36.20 7.57 8.36
CA ASN B 62 35.52 8.73 8.92
C ASN B 62 34.74 9.53 7.89
N MET B 63 34.55 9.03 6.68
CA MET B 63 33.57 9.69 5.84
C MET B 63 32.22 9.49 6.55
N GLY B 64 31.31 10.40 6.35
CA GLY B 64 30.03 10.23 7.01
C GLY B 64 29.18 9.16 6.36
N SER B 65 28.03 8.86 6.98
CA SER B 65 27.07 7.98 6.34
C SER B 65 26.56 8.60 5.04
N GLU B 66 26.40 9.90 5.03
CA GLU B 66 25.92 10.55 3.81
C GLU B 66 26.96 10.42 2.68
N GLY B 67 28.24 10.63 2.98
CA GLY B 67 29.25 10.50 1.93
C GLY B 67 29.48 9.06 1.48
N LEU B 68 29.49 8.14 2.45
CA LEU B 68 29.63 6.72 2.09
C LEU B 68 28.48 6.27 1.20
N PHE B 69 27.27 6.74 1.50
CA PHE B 69 26.11 6.32 0.72
C PHE B 69 26.17 6.86 -0.70
N GLU B 70 26.64 8.09 -0.89
CA GLU B 70 26.77 8.65 -2.23
C GLU B 70 27.79 7.88 -3.06
N VAL B 71 28.95 7.53 -2.45
CA VAL B 71 29.97 6.80 -3.19
C VAL B 71 29.48 5.38 -3.53
N LEU B 72 28.91 4.67 -2.55
CA LEU B 72 28.45 3.31 -2.84
C LEU B 72 27.28 3.33 -3.82
N SER B 73 26.42 4.35 -3.78
CA SER B 73 25.35 4.47 -4.76
C SER B 73 25.90 4.68 -6.18
N GLU B 74 26.86 5.60 -6.33
CA GLU B 74 27.51 5.82 -7.63
C GLU B 74 28.16 4.55 -8.14
N MET B 75 28.77 3.77 -7.25
CA MET B 75 29.41 2.53 -7.70
C MET B 75 28.37 1.59 -8.27
N LEU B 76 27.22 1.47 -7.61
CA LEU B 76 26.16 0.61 -8.12
C LEU B 76 25.53 1.18 -9.39
N TYR B 77 25.52 2.50 -9.55
CA TYR B 77 25.01 3.11 -10.78
C TYR B 77 25.83 2.66 -11.99
N GLU B 78 27.07 2.22 -11.77
CA GLU B 78 27.86 1.67 -12.88
C GLU B 78 27.17 0.47 -13.51
N LEU B 79 26.31 -0.21 -12.77
CA LEU B 79 25.55 -1.35 -13.28
C LEU B 79 24.42 -0.91 -14.22
N GLN B 80 24.04 0.37 -14.20
CA GLN B 80 22.93 0.91 -15.01
C GLN B 80 21.70 0.01 -14.93
N ASP B 81 21.27 -0.27 -13.70
CA ASP B 81 20.21 -1.23 -13.42
C ASP B 81 19.25 -0.59 -12.43
N GLY B 82 18.05 -0.25 -12.88
CA GLY B 82 17.05 0.31 -11.99
C GLY B 82 16.56 -0.65 -10.93
N HIS B 83 16.88 -1.93 -11.04
CA HIS B 83 16.48 -2.92 -10.04
C HIS B 83 17.63 -3.35 -9.14
N VAL B 84 18.70 -2.55 -9.08
CA VAL B 84 19.73 -2.67 -8.05
C VAL B 84 19.44 -1.52 -7.10
N ASN B 85 19.06 -1.84 -5.87
CA ASN B 85 18.56 -0.87 -4.90
C ASN B 85 19.44 -0.99 -3.65
N LEU B 86 19.90 0.15 -3.15
CA LEU B 86 20.68 0.25 -1.91
C LEU B 86 19.87 1.08 -0.93
N ALA B 87 19.65 0.55 0.27
CA ALA B 87 18.81 1.23 1.26
C ALA B 87 19.58 1.42 2.55
N SER B 88 19.69 2.67 2.99
CA SER B 88 20.22 2.99 4.29
C SER B 88 19.10 3.49 5.19
N ALA B 89 19.47 3.98 6.39
CA ALA B 89 18.49 4.58 7.26
C ALA B 89 17.94 5.88 6.69
N HIS B 90 18.74 6.59 5.87
CA HIS B 90 18.33 7.92 5.43
C HIS B 90 17.85 7.97 3.97
N ASN B 91 18.15 6.99 3.13
CA ASN B 91 17.73 7.10 1.74
C ASN B 91 17.78 5.74 1.05
N VAL B 92 17.21 5.70 -0.13
CA VAL B 92 17.31 4.57 -1.04
C VAL B 92 17.83 5.11 -2.36
N SER B 93 18.71 4.35 -3.02
CA SER B 93 19.21 4.77 -4.31
C SER B 93 18.92 3.69 -5.35
N TYR B 94 18.68 4.14 -6.59
CA TYR B 94 18.52 3.23 -7.72
C TYR B 94 18.77 3.99 -9.01
N TYR B 95 19.36 3.33 -9.99
CA TYR B 95 19.58 3.95 -11.30
C TYR B 95 18.23 4.37 -11.91
N ASP B 96 18.06 5.68 -12.15
CA ASP B 96 16.74 6.23 -12.47
C ASP B 96 16.52 6.42 -13.96
N ALA B 97 17.59 6.59 -14.74
CA ALA B 97 17.48 6.68 -16.19
C ALA B 97 16.53 5.59 -16.67
N TRP B 98 16.50 4.46 -15.94
CA TRP B 98 15.51 3.41 -16.11
C TRP B 98 14.18 4.02 -16.54
N TYR B 99 13.52 4.76 -15.65
CA TYR B 99 12.23 5.40 -15.93
C TYR B 99 12.39 6.91 -15.80
N GLN B 100 12.28 7.63 -16.93
CA GLN B 100 12.52 9.07 -16.93
C GLN B 100 11.21 9.83 -17.18
N ASP B 101 11.06 10.48 -18.33
CA ASP B 101 9.86 11.30 -18.56
C ASP B 101 8.67 10.48 -19.03
N TYR B 102 8.77 9.15 -18.93
CA TYR B 102 7.72 8.26 -19.40
C TYR B 102 6.39 8.59 -18.73
N PRO B 103 5.28 8.61 -19.50
CA PRO B 103 3.97 8.88 -18.90
C PRO B 103 3.65 7.88 -17.81
N ARG B 104 2.85 8.33 -16.85
CA ARG B 104 2.47 7.46 -15.73
C ARG B 104 1.46 6.41 -16.21
N ASN B 105 0.49 6.82 -17.01
CA ASN B 105 -0.56 5.95 -17.54
C ASN B 105 -1.34 5.22 -16.45
N PHE B 106 -1.50 5.88 -15.30
CA PHE B 106 -2.40 5.41 -14.24
C PHE B 106 -2.72 6.59 -13.32
N ARG B 107 -4.00 6.89 -13.18
CA ARG B 107 -4.47 7.90 -12.22
C ARG B 107 -5.38 7.19 -11.23
N ALA B 108 -4.89 7.02 -10.01
CA ALA B 108 -5.63 6.25 -9.00
C ALA B 108 -6.96 6.91 -8.63
N ASP B 109 -6.99 8.23 -8.55
CA ASP B 109 -8.23 8.88 -8.11
C ASP B 109 -9.28 8.86 -9.21
N LEU B 110 -8.85 8.94 -10.46
CA LEU B 110 -9.75 8.74 -11.59
C LEU B 110 -10.30 7.31 -11.62
N LEU B 111 -9.49 6.32 -11.24
CA LEU B 111 -10.01 4.96 -11.21
C LEU B 111 -11.10 4.79 -10.15
N GLU B 112 -10.88 5.31 -8.92
CA GLU B 112 -11.91 5.17 -7.88
C GLU B 112 -13.17 5.92 -8.24
N ASP B 113 -13.04 7.12 -8.76
CA ASP B 113 -14.20 7.98 -8.93
C ASP B 113 -15.08 7.55 -10.11
N SER B 114 -14.46 7.07 -11.19
CA SER B 114 -15.18 6.82 -12.43
C SER B 114 -15.39 5.35 -12.74
N TYR B 115 -14.65 4.45 -12.12
CA TYR B 115 -14.80 3.02 -12.42
C TYR B 115 -15.18 2.23 -11.18
N LEU B 116 -14.38 2.28 -10.11
CA LEU B 116 -14.68 1.47 -8.93
C LEU B 116 -15.88 2.00 -8.17
N GLY B 117 -15.89 3.30 -7.84
CA GLY B 117 -16.96 3.85 -7.07
C GLY B 117 -16.82 3.57 -5.59
N ARG B 118 -17.97 3.40 -4.92
CA ARG B 118 -18.02 3.24 -3.46
C ARG B 118 -17.94 1.78 -3.07
N ALA B 119 -17.22 1.51 -1.99
CA ALA B 119 -16.91 0.13 -1.62
C ALA B 119 -18.13 -0.61 -1.06
N SER B 120 -19.03 0.08 -0.38
CA SER B 120 -20.17 -0.59 0.20
C SER B 120 -21.09 -1.20 -0.85
N THR B 121 -21.23 -0.56 -2.00
CA THR B 121 -22.18 -1.05 -2.98
C THR B 121 -21.63 -1.16 -4.40
N ASP B 122 -20.67 -0.31 -4.77
CA ASP B 122 -20.29 -0.23 -6.19
C ASP B 122 -19.21 -1.21 -6.61
N TYR B 123 -18.46 -1.78 -5.69
CA TYR B 123 -17.54 -2.83 -6.06
C TYR B 123 -17.37 -3.78 -4.89
N ARG B 124 -16.75 -4.91 -5.19
CA ARG B 124 -16.58 -5.98 -4.21
C ARG B 124 -15.09 -6.17 -3.89
N THR B 125 -14.82 -6.71 -2.69
CA THR B 125 -13.44 -6.83 -2.19
C THR B 125 -13.17 -8.26 -1.74
N ALA B 126 -12.31 -8.96 -2.47
CA ALA B 126 -11.89 -10.31 -2.16
C ALA B 126 -10.41 -10.25 -1.79
N ALA B 127 -10.13 -10.11 -0.49
CA ALA B 127 -8.78 -9.87 0.03
C ALA B 127 -8.11 -8.78 -0.80
N GLY B 128 -6.95 -9.05 -1.41
CA GLY B 128 -6.23 -8.07 -2.21
C GLY B 128 -6.88 -7.68 -3.54
N LEU B 129 -7.99 -8.30 -3.94
CA LEU B 129 -8.66 -7.97 -5.20
C LEU B 129 -9.89 -7.09 -4.99
N LYS B 130 -9.97 -6.02 -5.77
CA LYS B 130 -11.18 -5.22 -5.90
C LYS B 130 -11.78 -5.55 -7.25
N TYR B 131 -13.09 -5.85 -7.28
CA TYR B 131 -13.66 -6.34 -8.52
C TYR B 131 -15.12 -5.98 -8.66
N LYS B 132 -15.61 -6.15 -9.88
CA LYS B 132 -16.82 -5.48 -10.29
C LYS B 132 -17.23 -5.83 -11.70
N ILE B 133 -18.54 -5.87 -11.93
CA ILE B 133 -19.10 -5.90 -13.27
C ILE B 133 -19.32 -4.47 -13.75
N LEU B 134 -18.60 -4.08 -14.79
CA LEU B 134 -18.81 -2.80 -15.44
C LEU B 134 -20.16 -2.80 -16.18
N LYS B 135 -20.56 -1.61 -16.64
CA LYS B 135 -21.92 -1.35 -17.10
C LYS B 135 -22.26 -2.02 -18.44
N ASP B 136 -21.26 -2.35 -19.24
CA ASP B 136 -21.43 -3.09 -20.48
C ASP B 136 -21.13 -4.57 -20.30
N ASN B 137 -21.26 -5.06 -19.07
CA ASN B 137 -21.07 -6.47 -18.73
C ASN B 137 -19.67 -6.95 -19.08
N ILE B 138 -18.68 -6.09 -18.79
CA ILE B 138 -17.28 -6.43 -18.81
C ILE B 138 -16.80 -6.53 -17.36
N GLY B 139 -16.13 -7.63 -17.03
CA GLY B 139 -15.57 -7.79 -15.72
C GLY B 139 -14.31 -6.96 -15.53
N TYR B 140 -14.10 -6.49 -14.30
CA TYR B 140 -12.95 -5.67 -14.00
C TYR B 140 -12.40 -6.04 -12.62
N ILE B 141 -11.10 -6.34 -12.60
CA ILE B 141 -10.35 -6.66 -11.39
C ILE B 141 -9.19 -5.67 -11.28
N ARG B 142 -9.10 -5.00 -10.14
CA ARG B 142 -7.93 -4.19 -9.80
C ARG B 142 -7.11 -4.92 -8.74
N TYR B 143 -5.83 -5.16 -9.04
CA TYR B 143 -4.91 -5.75 -8.07
C TYR B 143 -3.73 -4.81 -7.90
N GLU B 144 -3.75 -4.03 -6.81
CA GLU B 144 -2.77 -2.97 -6.62
C GLU B 144 -1.41 -3.48 -6.19
N SER B 145 -1.34 -4.62 -5.51
CA SER B 145 -0.08 -4.98 -4.89
C SER B 145 0.03 -6.47 -4.63
N PHE B 146 1.13 -7.06 -5.12
CA PHE B 146 1.45 -8.44 -4.78
C PHE B 146 1.94 -8.59 -3.35
N ALA B 147 2.04 -7.50 -2.59
CA ALA B 147 2.24 -7.58 -1.14
C ALA B 147 0.95 -7.81 -0.38
N ASP B 148 -0.20 -7.85 -1.08
CA ASP B 148 -1.51 -8.09 -0.47
C ASP B 148 -1.92 -9.54 -0.76
N PRO B 149 -2.28 -10.34 0.23
CA PRO B 149 -2.60 -11.74 -0.06
C PRO B 149 -3.84 -11.87 -0.95
N VAL B 150 -3.80 -12.90 -1.79
CA VAL B 150 -4.97 -13.36 -2.54
C VAL B 150 -4.96 -14.89 -2.40
N GLY B 151 -6.04 -15.43 -1.84
CA GLY B 151 -6.14 -16.86 -1.66
C GLY B 151 -6.93 -17.52 -2.78
N ASN B 152 -6.94 -18.84 -2.77
CA ASN B 152 -7.65 -19.57 -3.83
C ASN B 152 -9.14 -19.40 -3.68
N GLY B 153 -9.64 -19.44 -2.44
CA GLY B 153 -11.04 -19.16 -2.20
C GLY B 153 -11.45 -17.78 -2.69
N ASN B 154 -10.56 -16.78 -2.49
CA ASN B 154 -10.80 -15.46 -3.07
C ASN B 154 -10.97 -15.57 -4.59
N LEU B 155 -10.06 -16.29 -5.26
CA LEU B 155 -10.12 -16.34 -6.72
C LEU B 155 -11.34 -17.13 -7.20
N ASP B 156 -11.71 -18.19 -6.47
CA ASP B 156 -12.93 -18.94 -6.79
C ASP B 156 -14.15 -18.03 -6.77
N GLU B 157 -14.23 -17.16 -5.75
CA GLU B 157 -15.37 -16.27 -5.60
C GLU B 157 -15.39 -15.22 -6.72
N VAL B 158 -14.23 -14.61 -6.98
CA VAL B 158 -14.13 -13.57 -8.00
C VAL B 158 -14.47 -14.12 -9.39
N LEU B 159 -13.83 -15.22 -9.76
CA LEU B 159 -14.01 -15.73 -11.12
C LEU B 159 -15.41 -16.32 -11.30
N SER B 160 -16.00 -16.87 -10.23
CA SER B 160 -17.40 -17.31 -10.37
C SER B 160 -18.34 -16.13 -10.50
N TYR B 161 -18.16 -15.10 -9.66
CA TYR B 161 -19.03 -13.94 -9.72
C TYR B 161 -19.04 -13.31 -11.11
N LEU B 162 -17.86 -13.15 -11.73
CA LEU B 162 -17.71 -12.44 -12.99
C LEU B 162 -17.96 -13.34 -14.20
N SER B 163 -18.34 -14.60 -13.99
CA SER B 163 -18.48 -15.54 -15.09
C SER B 163 -19.63 -15.20 -16.03
N VAL B 164 -20.54 -14.32 -15.61
CA VAL B 164 -21.58 -13.83 -16.49
C VAL B 164 -21.07 -12.79 -17.48
N CYS B 165 -19.90 -12.21 -17.24
CA CYS B 165 -19.40 -11.15 -18.10
C CYS B 165 -18.87 -11.74 -19.40
N ASN B 166 -18.85 -10.90 -20.45
CA ASN B 166 -18.36 -11.31 -21.76
C ASN B 166 -16.85 -11.31 -21.87
N GLY B 167 -16.15 -10.81 -20.88
CA GLY B 167 -14.69 -10.71 -20.90
C GLY B 167 -14.26 -10.01 -19.65
N LEU B 168 -12.93 -10.03 -19.41
CA LEU B 168 -12.36 -9.62 -18.14
C LEU B 168 -11.15 -8.73 -18.34
N ILE B 169 -11.10 -7.65 -17.55
CA ILE B 169 -9.93 -6.78 -17.46
C ILE B 169 -9.26 -7.01 -16.11
N ILE B 170 -7.95 -7.24 -16.13
CA ILE B 170 -7.12 -7.36 -14.94
C ILE B 170 -6.10 -6.23 -14.98
N ASP B 171 -6.20 -5.33 -14.01
CA ASP B 171 -5.45 -4.08 -14.00
C ASP B 171 -4.34 -4.20 -12.98
N VAL B 172 -3.10 -4.35 -13.46
CA VAL B 172 -1.93 -4.41 -12.59
C VAL B 172 -0.98 -3.23 -12.81
N ARG B 173 -1.48 -2.13 -13.34
CA ARG B 173 -0.68 -0.91 -13.42
C ARG B 173 -0.33 -0.44 -11.99
N ASP B 174 0.87 0.13 -11.88
CA ASP B 174 1.42 0.66 -10.63
C ASP B 174 1.57 -0.42 -9.57
N ASN B 175 1.58 -1.69 -9.96
CA ASN B 175 1.72 -2.77 -8.99
C ASN B 175 3.18 -3.15 -8.95
N GLY B 176 3.87 -2.71 -7.88
CA GLY B 176 5.31 -2.87 -7.78
C GLY B 176 5.80 -4.18 -7.21
N GLY B 177 4.91 -5.12 -6.98
CA GLY B 177 5.30 -6.46 -6.60
C GLY B 177 5.03 -6.76 -5.14
N GLY B 178 5.80 -7.66 -4.55
CA GLY B 178 5.62 -8.13 -3.19
C GLY B 178 5.57 -9.64 -3.13
N ASN B 179 5.62 -10.16 -1.90
CA ASN B 179 5.75 -11.61 -1.72
C ASN B 179 4.56 -12.26 -1.02
N ALA B 180 3.41 -11.59 -0.97
CA ALA B 180 2.28 -12.19 -0.27
C ALA B 180 1.56 -13.19 -1.16
N THR B 181 1.65 -13.00 -2.46
CA THR B 181 0.93 -13.80 -3.46
C THR B 181 1.91 -14.20 -4.54
N ASN B 182 1.88 -15.48 -4.89
CA ASN B 182 2.64 -15.98 -6.01
C ASN B 182 2.01 -15.50 -7.31
N SER B 183 2.87 -15.08 -8.23
CA SER B 183 2.40 -14.67 -9.56
C SER B 183 1.69 -15.83 -10.27
N ALA B 184 2.17 -17.06 -10.08
CA ALA B 184 1.55 -18.22 -10.72
C ALA B 184 0.20 -18.55 -10.13
N ARG B 185 -0.03 -18.25 -8.86
CA ARG B 185 -1.33 -18.55 -8.30
C ARG B 185 -2.45 -17.87 -9.11
N ILE B 186 -2.25 -16.61 -9.46
CA ILE B 186 -3.26 -15.88 -10.22
C ILE B 186 -3.26 -16.32 -11.68
N ALA B 187 -2.07 -16.40 -12.31
CA ALA B 187 -2.04 -16.66 -13.74
C ALA B 187 -2.58 -18.04 -14.06
N SER B 188 -2.45 -19.00 -13.15
CA SER B 188 -2.86 -20.35 -13.39
C SER B 188 -4.37 -20.47 -13.53
N ARG B 189 -5.12 -19.44 -13.16
CA ARG B 189 -6.57 -19.42 -13.30
C ARG B 189 -7.01 -19.20 -14.72
N PHE B 190 -6.07 -18.97 -15.63
CA PHE B 190 -6.38 -18.58 -16.99
C PHE B 190 -5.88 -19.56 -18.05
N THR B 191 -5.43 -20.73 -17.66
CA THR B 191 -5.09 -21.77 -18.65
C THR B 191 -5.72 -23.07 -18.15
N ASN B 192 -6.22 -23.87 -19.08
CA ASN B 192 -6.69 -25.20 -18.78
C ASN B 192 -5.65 -26.27 -19.11
N GLU B 193 -4.51 -25.86 -19.64
CA GLU B 193 -3.46 -26.77 -20.09
C GLU B 193 -2.11 -26.29 -19.59
N LYS B 194 -1.22 -27.25 -19.33
CA LYS B 194 0.19 -26.96 -19.09
C LYS B 194 0.76 -26.19 -20.27
N ILE B 195 1.42 -25.07 -19.98
CA ILE B 195 2.04 -24.27 -21.03
C ILE B 195 3.39 -23.78 -20.52
N LEU B 196 4.42 -23.93 -21.34
CA LEU B 196 5.72 -23.31 -21.04
C LEU B 196 5.60 -21.79 -21.14
N THR B 197 5.96 -21.07 -20.08
CA THR B 197 5.96 -19.62 -20.16
C THR B 197 7.33 -18.97 -19.99
N GLY B 198 8.37 -19.72 -19.65
CA GLY B 198 9.67 -19.11 -19.41
C GLY B 198 10.70 -20.10 -18.89
N TYR B 199 11.82 -19.53 -18.46
CA TYR B 199 12.97 -20.27 -17.95
C TYR B 199 13.62 -19.42 -16.87
N ILE B 200 14.19 -20.09 -15.87
CA ILE B 200 14.96 -19.46 -14.81
C ILE B 200 16.27 -20.21 -14.68
N SER B 201 17.37 -19.47 -14.71
CA SER B 201 18.71 -19.96 -14.38
C SER B 201 19.09 -19.46 -13.00
N HIS B 202 19.98 -20.21 -12.34
CA HIS B 202 20.49 -19.85 -11.01
C HIS B 202 21.99 -19.72 -11.06
N LYS B 203 22.54 -18.82 -10.23
CA LYS B 203 23.99 -18.78 -10.09
C LYS B 203 24.47 -20.06 -9.42
N THR B 204 25.54 -20.60 -9.94
CA THR B 204 26.16 -21.81 -9.44
C THR B 204 27.57 -21.60 -8.90
N GLY B 205 28.15 -20.41 -9.07
CA GLY B 205 29.50 -20.16 -8.58
C GLY B 205 29.70 -18.66 -8.49
N THR B 206 30.90 -18.27 -8.10
CA THR B 206 31.23 -16.84 -8.02
C THR B 206 31.55 -16.20 -9.37
N GLY B 207 31.94 -17.00 -10.37
CA GLY B 207 32.30 -16.43 -11.66
C GLY B 207 31.12 -15.75 -12.33
N HIS B 208 31.42 -14.70 -13.10
CA HIS B 208 30.34 -13.84 -13.59
C HIS B 208 29.43 -14.55 -14.58
N ASN B 209 29.85 -15.69 -15.12
CA ASN B 209 29.00 -16.50 -16.01
C ASN B 209 28.82 -17.93 -15.49
N ASP B 210 28.89 -18.11 -14.16
CA ASP B 210 28.68 -19.40 -13.51
C ASP B 210 27.19 -19.58 -13.26
N PHE B 211 26.49 -20.25 -14.20
CA PHE B 211 25.04 -20.39 -14.18
C PHE B 211 24.61 -21.83 -14.44
N SER B 212 23.51 -22.21 -13.79
CA SER B 212 22.84 -23.46 -14.09
C SER B 212 22.29 -23.43 -15.51
N LYS B 213 21.91 -24.59 -16.01
CA LYS B 213 21.08 -24.63 -17.19
C LYS B 213 19.81 -23.82 -16.90
N PRO B 214 19.11 -23.38 -17.95
CA PRO B 214 17.82 -22.73 -17.74
C PRO B 214 16.74 -23.78 -17.47
N TYR B 215 16.08 -23.67 -16.33
CA TYR B 215 15.03 -24.59 -15.94
C TYR B 215 13.71 -24.11 -16.52
N ALA B 216 13.01 -24.98 -17.25
CA ALA B 216 11.76 -24.57 -17.86
C ALA B 216 10.71 -24.30 -16.79
N ILE B 217 9.94 -23.22 -16.98
CA ILE B 217 8.85 -22.85 -16.07
C ILE B 217 7.53 -23.06 -16.83
N TYR B 218 6.69 -23.92 -16.27
CA TYR B 218 5.40 -24.27 -16.83
C TYR B 218 4.31 -23.66 -15.95
N LEU B 219 3.29 -23.10 -16.59
CA LEU B 219 2.09 -22.68 -15.89
C LEU B 219 1.13 -23.86 -15.94
N GLU B 220 0.72 -24.35 -14.78
CA GLU B 220 -0.19 -25.49 -14.65
C GLU B 220 -1.60 -24.96 -14.35
N PRO B 221 -2.64 -25.49 -14.98
CA PRO B 221 -4.00 -25.06 -14.65
C PRO B 221 -4.30 -25.17 -13.17
N ALA B 222 -4.93 -24.14 -12.62
CA ALA B 222 -5.24 -24.13 -11.21
C ALA B 222 -6.27 -25.19 -10.85
N ASN B 223 -6.15 -25.68 -9.62
CA ASN B 223 -7.09 -26.65 -9.05
C ASN B 223 -8.26 -25.91 -8.40
N GLY B 224 -8.96 -25.17 -9.25
CA GLY B 224 -10.07 -24.35 -8.81
C GLY B 224 -10.71 -23.70 -10.02
N VAL B 225 -11.65 -22.79 -9.74
CA VAL B 225 -12.37 -22.09 -10.79
C VAL B 225 -11.42 -21.41 -11.75
N ARG B 226 -11.62 -21.62 -13.05
CA ARG B 226 -10.80 -20.99 -14.08
C ARG B 226 -11.66 -20.17 -15.03
N TRP B 227 -11.05 -19.15 -15.61
CA TRP B 227 -11.72 -18.23 -16.52
C TRP B 227 -11.70 -18.79 -17.94
N GLN B 228 -12.82 -18.68 -18.65
CA GLN B 228 -12.97 -19.37 -19.93
C GLN B 228 -13.28 -18.43 -21.08
N LYS B 229 -13.05 -17.14 -20.91
CA LYS B 229 -13.40 -16.12 -21.90
C LYS B 229 -12.16 -15.24 -22.13
N LYS B 230 -12.30 -14.20 -22.96
CA LYS B 230 -11.15 -13.36 -23.27
C LYS B 230 -10.75 -12.53 -22.05
N VAL B 231 -9.50 -12.07 -22.08
CA VAL B 231 -8.91 -11.28 -20.99
C VAL B 231 -8.05 -10.18 -21.59
N VAL B 232 -8.07 -9.00 -20.94
CA VAL B 232 -7.08 -7.96 -21.15
C VAL B 232 -6.36 -7.70 -19.83
N VAL B 233 -5.03 -7.65 -19.88
CA VAL B 233 -4.21 -7.27 -18.73
C VAL B 233 -3.65 -5.88 -19.03
N LEU B 234 -3.87 -4.95 -18.10
CA LEU B 234 -3.32 -3.60 -18.24
C LEU B 234 -2.00 -3.46 -17.49
N THR B 235 -0.99 -2.92 -18.19
CA THR B 235 0.37 -2.82 -17.68
C THR B 235 0.87 -1.40 -17.83
N ASN B 236 1.81 -1.01 -16.97
CA ASN B 236 2.54 0.25 -17.19
C ASN B 236 3.92 0.12 -16.60
N ARG B 237 4.74 1.19 -16.75
CA ARG B 237 6.15 1.09 -16.39
C ARG B 237 6.35 0.95 -14.89
N ARG B 238 5.29 1.11 -14.10
CA ARG B 238 5.39 0.86 -12.66
C ARG B 238 4.79 -0.47 -12.27
N SER B 239 4.58 -1.36 -13.25
CA SER B 239 4.32 -2.78 -12.99
C SER B 239 5.68 -3.47 -12.95
N PHE B 240 6.11 -3.96 -11.78
CA PHE B 240 7.38 -4.67 -11.83
C PHE B 240 7.49 -5.76 -10.75
N SER B 241 8.62 -6.48 -10.82
CA SER B 241 8.99 -7.55 -9.90
C SER B 241 8.00 -8.71 -10.07
N ALA B 242 7.33 -9.16 -9.01
CA ALA B 242 6.36 -10.24 -9.18
C ALA B 242 5.32 -9.93 -10.25
N THR B 243 4.94 -8.65 -10.38
CA THR B 243 4.01 -8.27 -11.43
C THR B 243 4.56 -8.53 -12.81
N ASN B 244 5.88 -8.33 -12.98
CA ASN B 244 6.51 -8.65 -14.24
C ASN B 244 6.46 -10.14 -14.53
N ASP B 245 6.63 -10.97 -13.50
CA ASP B 245 6.48 -12.41 -13.68
C ASP B 245 5.07 -12.75 -14.10
N PHE B 246 4.09 -12.12 -13.44
CA PHE B 246 2.69 -12.31 -13.76
C PHE B 246 2.41 -12.00 -15.22
N VAL B 247 2.88 -10.82 -15.68
CA VAL B 247 2.62 -10.42 -17.06
C VAL B 247 3.27 -11.40 -18.03
N ASN B 248 4.45 -11.90 -17.67
CA ASN B 248 5.13 -12.84 -18.55
C ASN B 248 4.30 -14.10 -18.76
N HIS B 249 3.71 -14.63 -17.68
CA HIS B 249 2.81 -15.79 -17.79
C HIS B 249 1.62 -15.46 -18.70
N MET B 250 0.92 -14.38 -18.39
CA MET B 250 -0.35 -14.05 -19.03
C MET B 250 -0.17 -13.74 -20.51
N ARG B 251 0.92 -13.05 -20.88
CA ARG B 251 1.01 -12.68 -22.29
C ARG B 251 1.24 -13.89 -23.19
N CYS B 252 1.60 -15.05 -22.63
CA CYS B 252 1.77 -16.24 -23.47
C CYS B 252 0.45 -16.85 -23.90
N LEU B 253 -0.63 -16.53 -23.20
CA LEU B 253 -1.93 -17.21 -23.32
C LEU B 253 -2.73 -16.67 -24.50
N PRO B 254 -3.40 -17.54 -25.26
CA PRO B 254 -3.97 -17.12 -26.54
C PRO B 254 -5.18 -16.20 -26.39
N ASN B 255 -5.86 -16.25 -25.26
CA ASN B 255 -7.04 -15.45 -25.01
C ASN B 255 -6.75 -14.18 -24.22
N VAL B 256 -5.47 -13.89 -23.95
CA VAL B 256 -5.05 -12.76 -23.11
C VAL B 256 -4.27 -11.76 -23.97
N THR B 257 -4.73 -10.50 -23.95
CA THR B 257 -4.10 -9.39 -24.65
C THR B 257 -3.63 -8.38 -23.61
N THR B 258 -2.34 -8.06 -23.63
CA THR B 258 -1.83 -7.02 -22.74
C THR B 258 -1.90 -5.66 -23.43
N ILE B 259 -2.34 -4.65 -22.69
CA ILE B 259 -2.53 -3.31 -23.21
C ILE B 259 -1.94 -2.30 -22.24
N GLY B 260 -1.24 -1.32 -22.78
CA GLY B 260 -0.72 -0.23 -21.97
C GLY B 260 0.67 0.15 -22.39
N ASP B 261 1.58 0.10 -21.43
CA ASP B 261 2.97 0.48 -21.62
C ASP B 261 3.80 -0.74 -21.30
N LYS B 262 5.06 -0.68 -21.68
CA LYS B 262 6.05 -1.66 -21.25
C LYS B 262 6.11 -1.74 -19.73
N THR B 263 6.22 -2.95 -19.18
CA THR B 263 6.35 -3.10 -17.74
C THR B 263 7.69 -2.53 -17.26
N GLY B 264 7.81 -2.38 -15.93
CA GLY B 264 9.04 -1.90 -15.34
C GLY B 264 10.13 -2.93 -15.18
N GLY B 265 9.83 -4.23 -15.43
CA GLY B 265 10.84 -5.27 -15.33
C GLY B 265 11.06 -5.73 -13.91
N GLY B 266 12.29 -6.12 -13.62
CA GLY B 266 12.59 -6.81 -12.37
C GLY B 266 12.04 -8.24 -12.40
N SER B 267 12.17 -8.90 -11.25
CA SER B 267 11.56 -10.22 -11.08
C SER B 267 11.02 -10.33 -9.66
N GLY B 268 10.21 -11.36 -9.46
CA GLY B 268 9.69 -11.73 -8.17
C GLY B 268 10.62 -12.49 -7.28
N MET B 269 11.87 -12.73 -7.68
CA MET B 269 12.83 -13.41 -6.81
C MET B 269 14.12 -12.59 -6.65
N PRO B 270 14.03 -11.35 -6.15
CA PRO B 270 15.27 -10.58 -5.91
C PRO B 270 16.13 -11.21 -4.82
N PHE B 271 17.43 -11.04 -4.96
CA PHE B 271 18.40 -11.36 -3.91
C PHE B 271 18.57 -10.13 -3.02
N THR B 272 18.54 -10.32 -1.70
CA THR B 272 18.78 -9.23 -0.74
C THR B 272 19.93 -9.60 0.18
N SER B 273 20.78 -8.65 0.52
CA SER B 273 21.84 -8.89 1.48
C SER B 273 22.04 -7.64 2.31
N GLU B 274 22.49 -7.81 3.53
CA GLU B 274 22.81 -6.68 4.38
C GLU B 274 24.31 -6.44 4.41
N LEU B 275 24.68 -5.19 4.51
CA LEU B 275 26.06 -4.78 4.70
C LEU B 275 26.36 -4.75 6.20
N PRO B 276 27.65 -4.74 6.56
CA PRO B 276 28.01 -4.58 7.99
C PRO B 276 27.30 -3.43 8.69
N ASN B 277 27.08 -2.30 8.01
CA ASN B 277 26.46 -1.17 8.71
C ASN B 277 24.94 -1.30 8.80
N GLY B 278 24.39 -2.41 8.33
CA GLY B 278 22.96 -2.61 8.32
C GLY B 278 22.23 -2.16 7.07
N TRP B 279 22.92 -1.51 6.13
CA TRP B 279 22.27 -1.17 4.88
C TRP B 279 21.98 -2.48 4.13
N SER B 280 20.98 -2.46 3.27
CA SER B 280 20.61 -3.64 2.51
C SER B 280 20.67 -3.33 1.02
N VAL B 281 21.11 -4.30 0.24
CA VAL B 281 21.15 -4.15 -1.22
C VAL B 281 20.25 -5.26 -1.79
N ARG B 282 19.55 -4.93 -2.86
CA ARG B 282 18.64 -5.86 -3.53
C ARG B 282 18.94 -5.80 -5.02
N PHE B 283 18.98 -6.97 -5.66
CA PHE B 283 19.44 -7.05 -7.04
C PHE B 283 19.07 -8.41 -7.61
N SER B 284 19.17 -8.51 -8.95
CA SER B 284 18.90 -9.77 -9.64
C SER B 284 20.07 -10.73 -9.50
N ALA B 285 19.78 -11.94 -9.06
CA ALA B 285 20.76 -13.02 -9.03
C ALA B 285 20.42 -14.22 -9.91
N SER B 286 19.13 -14.46 -10.19
CA SER B 286 18.70 -15.61 -11.02
C SER B 286 17.96 -15.12 -12.25
N PRO B 287 18.59 -15.11 -13.40
CA PRO B 287 17.97 -14.54 -14.60
C PRO B 287 16.66 -15.25 -14.93
N HIS B 288 15.65 -14.46 -15.30
CA HIS B 288 14.36 -14.94 -15.79
C HIS B 288 14.25 -14.66 -17.30
N PHE B 289 13.78 -15.64 -18.05
CA PHE B 289 13.66 -15.54 -19.49
C PHE B 289 12.22 -15.84 -19.90
N ASP B 290 11.81 -15.31 -21.05
CA ASP B 290 10.52 -15.69 -21.62
C ASP B 290 10.69 -17.05 -22.32
N ALA B 291 9.64 -17.51 -23.03
CA ALA B 291 9.65 -18.83 -23.63
C ALA B 291 10.60 -18.92 -24.81
N GLU B 292 11.12 -17.80 -25.29
CA GLU B 292 12.11 -17.82 -26.37
C GLU B 292 13.51 -17.46 -25.86
N MET B 293 13.73 -17.49 -24.54
CA MET B 293 15.03 -17.24 -23.93
C MET B 293 15.46 -15.78 -24.05
N ASN B 294 14.51 -14.86 -24.14
CA ASN B 294 14.82 -13.44 -24.03
C ASN B 294 14.73 -13.06 -22.56
N HIS B 295 15.67 -12.22 -22.11
CA HIS B 295 15.56 -11.68 -20.78
C HIS B 295 14.27 -10.89 -20.63
N ILE B 296 13.63 -11.01 -19.47
CA ILE B 296 12.43 -10.21 -19.19
C ILE B 296 12.66 -9.15 -18.11
N GLU B 297 13.83 -9.11 -17.46
CA GLU B 297 14.03 -8.18 -16.34
C GLU B 297 14.06 -6.72 -16.76
N PHE B 298 14.30 -6.43 -18.04
CA PHE B 298 14.38 -5.06 -18.54
C PHE B 298 13.01 -4.53 -18.98
N GLY B 299 11.94 -5.32 -18.81
CA GLY B 299 10.59 -4.91 -19.13
C GLY B 299 10.01 -5.77 -20.22
N ILE B 300 8.68 -5.86 -20.30
CA ILE B 300 7.96 -6.65 -21.30
C ILE B 300 7.00 -5.71 -22.02
N GLU B 301 7.09 -5.66 -23.33
CA GLU B 301 6.24 -4.79 -24.15
C GLU B 301 4.82 -5.35 -24.21
N PRO B 302 3.79 -4.49 -24.18
CA PRO B 302 2.41 -4.99 -24.32
C PRO B 302 2.09 -5.38 -25.75
N ASP B 303 1.04 -6.20 -25.88
CA ASP B 303 0.56 -6.57 -27.20
C ASP B 303 0.05 -5.35 -27.95
N ILE B 304 -0.63 -4.44 -27.24
CA ILE B 304 -1.13 -3.19 -27.80
C ILE B 304 -0.58 -2.04 -26.95
N LYS B 305 0.19 -1.16 -27.58
CA LYS B 305 0.78 0.00 -26.92
C LYS B 305 -0.27 1.09 -26.88
N ALA B 306 -0.64 1.57 -25.69
CA ALA B 306 -1.57 2.69 -25.58
C ALA B 306 -1.23 3.56 -24.37
N ASP B 307 -1.58 4.83 -24.46
CA ASP B 307 -1.42 5.73 -23.33
C ASP B 307 -2.75 6.37 -22.94
N MET B 308 -2.86 6.80 -21.69
CA MET B 308 -3.98 7.67 -21.33
C MET B 308 -3.85 9.01 -22.05
N LEU B 309 -4.96 9.45 -22.61
CA LEU B 309 -5.06 10.71 -23.31
C LEU B 309 -5.75 11.74 -22.42
N GLN B 310 -5.20 12.95 -22.39
CA GLN B 310 -5.77 13.96 -21.50
C GLN B 310 -7.19 14.29 -21.92
N GLU B 311 -7.43 14.33 -23.22
CA GLU B 311 -8.77 14.51 -23.75
C GLU B 311 -9.77 13.50 -23.18
N ASP B 312 -9.34 12.27 -22.90
CA ASP B 312 -10.21 11.29 -22.26
C ASP B 312 -10.31 11.57 -20.76
N GLU B 313 -9.19 11.95 -20.16
CA GLU B 313 -9.12 12.16 -18.72
C GLU B 313 -9.97 13.35 -18.29
N LEU B 314 -10.18 14.33 -19.19
CA LEU B 314 -11.00 15.49 -18.90
C LEU B 314 -12.48 15.14 -18.83
N ARG B 315 -12.89 14.03 -19.44
CA ARG B 315 -14.23 13.50 -19.33
C ARG B 315 -14.33 12.39 -18.30
N GLY B 316 -13.30 12.22 -17.46
CA GLY B 316 -13.33 11.24 -16.40
C GLY B 316 -13.09 9.81 -16.84
N LYS B 317 -12.46 9.63 -18.00
CA LYS B 317 -12.27 8.33 -18.63
C LYS B 317 -10.80 7.98 -18.74
N ASP B 318 -10.53 6.67 -18.59
CA ASP B 318 -9.20 6.08 -18.72
C ASP B 318 -9.11 5.39 -20.09
N THR B 319 -8.23 5.93 -20.95
CA THR B 319 -8.12 5.41 -22.32
C THR B 319 -7.85 3.90 -22.34
N LEU B 320 -7.08 3.40 -21.36
CA LEU B 320 -6.70 2.00 -21.39
C LEU B 320 -7.85 1.08 -21.00
N ILE B 321 -8.63 1.45 -19.97
CA ILE B 321 -9.83 0.69 -19.65
C ILE B 321 -10.84 0.76 -20.79
N GLU B 322 -10.98 1.95 -21.38
CA GLU B 322 -11.97 2.12 -22.44
C GLU B 322 -11.64 1.26 -23.65
N MET B 323 -10.37 1.20 -24.07
CA MET B 323 -10.06 0.35 -25.21
C MET B 323 -10.15 -1.13 -24.84
N ALA B 324 -9.73 -1.48 -23.63
CA ALA B 324 -9.91 -2.85 -23.16
C ALA B 324 -11.37 -3.26 -23.23
N ARG B 325 -12.25 -2.37 -22.80
CA ARG B 325 -13.67 -2.69 -22.78
C ARG B 325 -14.20 -2.89 -24.19
N LYS B 326 -13.70 -2.09 -25.12
CA LYS B 326 -14.17 -2.19 -26.50
C LYS B 326 -13.66 -3.46 -27.17
N LEU B 327 -12.42 -3.86 -26.88
CA LEU B 327 -11.90 -5.09 -27.46
C LEU B 327 -12.67 -6.30 -26.95
N LEU B 328 -12.93 -6.35 -25.65
CA LEU B 328 -13.66 -7.48 -25.07
C LEU B 328 -15.12 -7.49 -25.49
N SER B 329 -15.63 -6.39 -26.05
CA SER B 329 -17.02 -6.29 -26.43
C SER B 329 -17.24 -6.67 -27.88
N GLU B 330 -16.23 -6.46 -28.71
CA GLU B 330 -16.14 -7.03 -30.04
C GLU B 330 -15.88 -8.52 -29.90
#